data_5IDN
#
_entry.id   5IDN
#
_cell.length_a   70.460
_cell.length_b   73.467
_cell.length_c   168.020
_cell.angle_alpha   90.00
_cell.angle_beta   90.00
_cell.angle_gamma   90.00
#
_symmetry.space_group_name_H-M   'P 21 21 21'
#
loop_
_entity.id
_entity.type
_entity.pdbx_description
1 polymer 'Cyclin-dependent kinase 8'
2 polymer Cyclin-C
3 non-polymer [(2S)-2-(4-chlorophenyl)pyrrolidin-1-yl](3-methyl-1H-pyrazolo[3,4-b]pyridin-5-yl)methanone
4 non-polymer 1,2-ETHANEDIOL
5 non-polymer 'FORMIC ACID'
6 water water
#
loop_
_entity_poly.entity_id
_entity_poly.type
_entity_poly.pdbx_seq_one_letter_code
_entity_poly.pdbx_strand_id
1 'polypeptide(L)'
;DKMDYDFKVKLSSERERVEDLFEYEGCKVGRGTYGHVYKAKRKDGKDDKDYALKQIEGTGISMSACREIALLRELKHPNV
ISLQKVFLSHADRKVWLLFDYAEHDLWHIIKFHRASKANKKPVQLPRGMVKSLLYQILDGIHYLHANWVLHRDLKPANIL
VMGEGPERGRVKIADMGFARLFNSPLKPLADLDPVVVTFWYRAPELLLGARHYTKAIDIWAIGCIFAELLTSEPIFHCRQ
EDIKTSNPYHHDQLDRIFNVMGFPADKDWEDIKKMPEHSTLMKDFRRNTYTNCSLIKYMEKHKVKPDSKAFHLLQKLLTM
DPIKRITSEQAMQDPYFLEDPLPTSDVFAGCQIPYPKREFLTEEEPPLKK
;
A
2 'polypeptide(L)'
;DKAMAGNFWQSSHYLQWILDKQDLLKERQKDLKFLSEEEYWKLQIFFTNVIQALGEHLKLRQQVIATATVYFKRFYARYS
LKSIDPVLMAPTCVFLASKVEEFGVVSNTRLIAAATSVLKTRFSYAFPKEFPYRMNHILECEFYLLELMDCCLIVYHPYR
PLLQYVQDMGQEDMLLPLAWRIVNDTYRTDLCLLYPPFMIALACLHVACVVQQKDARQWFAELSVDMEKILEIIRVILKL
YEQWKNFDERKEMATILSKMPKPKPPP
;
B
#
loop_
_chem_comp.id
_chem_comp.type
_chem_comp.name
_chem_comp.formula
6A7 non-polymer [(2S)-2-(4-chlorophenyl)pyrrolidin-1-yl](3-methyl-1H-pyrazolo[3,4-b]pyridin-5-yl)methanone 'C18 H17 Cl N4 O'
EDO non-polymer 1,2-ETHANEDIOL 'C2 H6 O2'
FMT non-polymer 'FORMIC ACID' 'C H2 O2'
#
# COMPACT_ATOMS: atom_id res chain seq x y z
N MET A 3 15.28 23.51 -12.82
CA MET A 3 15.65 22.09 -13.13
C MET A 3 16.76 22.04 -14.18
N ASP A 4 17.77 21.19 -13.94
CA ASP A 4 18.92 21.07 -14.84
C ASP A 4 18.49 20.56 -16.22
N TYR A 5 18.92 21.27 -17.26
CA TYR A 5 18.48 21.00 -18.63
C TYR A 5 18.99 19.66 -19.15
N ASP A 6 20.27 19.37 -18.92
CA ASP A 6 20.88 18.09 -19.34
C ASP A 6 20.23 16.88 -18.66
N PHE A 7 19.97 17.01 -17.36
CA PHE A 7 19.19 16.03 -16.58
C PHE A 7 17.82 15.80 -17.23
N LYS A 8 17.11 16.89 -17.54
CA LYS A 8 15.77 16.86 -18.12
C LYS A 8 15.71 16.16 -19.49
N VAL A 9 16.60 16.54 -20.41
CA VAL A 9 16.61 15.96 -21.77
C VAL A 9 17.13 14.53 -21.82
N LYS A 10 18.13 14.22 -20.99
CA LYS A 10 18.59 12.84 -20.80
C LYS A 10 17.43 11.91 -20.43
N LEU A 11 16.62 12.34 -19.45
CA LEU A 11 15.46 11.56 -18.99
C LEU A 11 14.32 11.49 -20.02
N SER A 12 14.08 12.59 -20.72
CA SER A 12 13.07 12.64 -21.78
C SER A 12 13.42 11.71 -22.96
N SER A 13 14.70 11.61 -23.29
CA SER A 13 15.20 10.70 -24.32
C SER A 13 15.02 9.22 -23.94
N GLU A 14 15.40 8.89 -22.70
CA GLU A 14 15.39 7.51 -22.21
C GLU A 14 14.02 6.98 -21.79
N ARG A 15 13.06 7.87 -21.53
CA ARG A 15 11.79 7.48 -20.93
C ARG A 15 10.88 6.74 -21.91
N GLU A 16 10.54 5.51 -21.56
CA GLU A 16 9.62 4.69 -22.35
C GLU A 16 8.21 5.26 -22.23
N ARG A 17 7.56 5.47 -23.37
CA ARG A 17 6.20 5.99 -23.43
C ARG A 17 5.24 4.86 -23.78
N VAL A 18 4.09 4.84 -23.11
CA VAL A 18 3.11 3.76 -23.24
C VAL A 18 2.59 3.57 -24.69
N GLU A 19 2.37 4.68 -25.38
CA GLU A 19 1.88 4.66 -26.78
C GLU A 19 2.90 4.15 -27.80
N ASP A 20 4.19 4.25 -27.48
CA ASP A 20 5.26 3.68 -28.32
C ASP A 20 5.45 2.18 -28.10
N LEU A 21 5.27 1.73 -26.85
CA LEU A 21 5.50 0.31 -26.49
C LEU A 21 4.30 -0.63 -26.71
N PHE A 22 3.08 -0.09 -26.68
CA PHE A 22 1.87 -0.92 -26.70
C PHE A 22 0.80 -0.41 -27.66
N GLU A 23 0.23 -1.35 -28.40
CA GLU A 23 -0.95 -1.10 -29.22
C GLU A 23 -2.19 -1.36 -28.37
N TYR A 24 -3.02 -0.35 -28.20
CA TYR A 24 -4.26 -0.47 -27.42
C TYR A 24 -5.41 0.44 -27.89
N GLU A 25 -5.24 1.13 -29.02
CA GLU A 25 -6.27 2.04 -29.53
C GLU A 25 -7.48 1.21 -29.94
N GLY A 26 -8.65 1.60 -29.44
CA GLY A 26 -9.88 0.85 -29.66
C GLY A 26 -9.98 -0.48 -28.93
N CYS A 27 -9.06 -0.75 -27.98
CA CYS A 27 -9.02 -2.03 -27.27
C CYS A 27 -9.48 -1.93 -25.82
N LYS A 28 -10.37 -0.98 -25.51
CA LYS A 28 -10.83 -0.79 -24.13
C LYS A 28 -11.81 -1.91 -23.75
N VAL A 29 -11.54 -2.56 -22.62
CA VAL A 29 -12.38 -3.65 -22.10
C VAL A 29 -13.20 -3.26 -20.86
N GLY A 30 -12.82 -2.18 -20.17
CA GLY A 30 -13.54 -1.74 -18.98
C GLY A 30 -13.41 -0.27 -18.65
N ARG A 31 -14.47 0.28 -18.05
CA ARG A 31 -14.51 1.64 -17.51
C ARG A 31 -15.12 1.59 -16.11
N GLY A 32 -14.51 2.33 -15.17
CA GLY A 32 -15.02 2.43 -13.80
C GLY A 32 -14.27 3.45 -12.98
N THR A 33 -14.49 3.46 -11.67
CA THR A 33 -13.81 4.41 -10.77
C THR A 33 -12.29 4.18 -10.68
N TYR A 34 -11.87 2.94 -10.95
CA TYR A 34 -10.47 2.60 -11.20
C TYR A 34 -9.83 3.34 -12.40
N GLY A 35 -10.65 3.65 -13.41
CA GLY A 35 -10.23 4.37 -14.62
C GLY A 35 -10.54 3.57 -15.88
N HIS A 36 -9.55 3.44 -16.77
CA HIS A 36 -9.74 2.81 -18.08
C HIS A 36 -8.78 1.63 -18.25
N VAL A 37 -9.34 0.43 -18.50
CA VAL A 37 -8.52 -0.76 -18.74
C VAL A 37 -8.62 -1.20 -20.21
N TYR A 38 -7.47 -1.53 -20.80
CA TYR A 38 -7.34 -1.94 -22.20
C TYR A 38 -6.68 -3.31 -22.27
N LYS A 39 -7.08 -4.09 -23.26
CA LYS A 39 -6.36 -5.31 -23.67
C LYS A 39 -5.33 -4.90 -24.73
N ALA A 40 -4.05 -4.98 -24.38
CA ALA A 40 -2.96 -4.44 -25.22
C ALA A 40 -1.97 -5.51 -25.67
N LYS A 41 -1.27 -5.23 -26.78
CA LYS A 41 -0.17 -6.06 -27.26
C LYS A 41 1.10 -5.23 -27.46
N ARG A 42 2.25 -5.90 -27.37
CA ARG A 42 3.55 -5.28 -27.63
C ARG A 42 3.69 -4.88 -29.10
N LYS A 43 4.15 -3.65 -29.34
CA LYS A 43 4.41 -3.14 -30.69
C LYS A 43 5.70 -3.73 -31.25
N ASP A 44 6.78 -3.62 -30.48
CA ASP A 44 8.01 -4.36 -30.76
C ASP A 44 7.78 -5.81 -30.34
N GLY A 45 7.28 -6.61 -31.28
CA GLY A 45 6.76 -7.95 -30.98
C GLY A 45 7.78 -8.99 -30.56
N LYS A 46 8.27 -8.86 -29.33
CA LYS A 46 9.14 -9.87 -28.72
C LYS A 46 8.33 -11.09 -28.29
N ASP A 47 7.09 -10.84 -27.83
CA ASP A 47 6.11 -11.88 -27.49
C ASP A 47 4.74 -11.55 -28.08
N ASP A 48 3.84 -12.53 -28.05
CA ASP A 48 2.46 -12.38 -28.51
C ASP A 48 1.44 -12.45 -27.34
N LYS A 49 1.89 -12.05 -26.15
CA LYS A 49 1.06 -12.12 -24.94
C LYS A 49 0.05 -10.98 -24.88
N ASP A 50 -1.10 -11.24 -24.26
CA ASP A 50 -2.07 -10.19 -23.94
C ASP A 50 -1.66 -9.50 -22.65
N TYR A 51 -1.75 -8.17 -22.63
CA TYR A 51 -1.47 -7.37 -21.43
C TYR A 51 -2.68 -6.53 -21.09
N ALA A 52 -2.86 -6.29 -19.79
CA ALA A 52 -3.86 -5.34 -19.30
C ALA A 52 -3.14 -4.02 -19.06
N LEU A 53 -3.61 -2.96 -19.71
CA LEU A 53 -3.13 -1.60 -19.46
C LEU A 53 -4.23 -0.78 -18.81
N LYS A 54 -3.97 -0.26 -17.62
CA LYS A 54 -4.92 0.57 -16.89
C LYS A 54 -4.46 2.02 -16.85
N GLN A 55 -5.23 2.90 -17.49
N GLN A 55 -5.22 2.89 -17.50
CA GLN A 55 -5.10 4.35 -17.31
CA GLN A 55 -5.09 4.33 -17.30
C GLN A 55 -5.94 4.71 -16.08
C GLN A 55 -5.94 4.69 -16.07
N ILE A 56 -5.27 5.18 -15.03
CA ILE A 56 -5.93 5.49 -13.76
C ILE A 56 -6.82 6.73 -13.87
N GLU A 57 -7.87 6.79 -13.05
CA GLU A 57 -8.78 7.94 -12.99
C GLU A 57 -8.07 9.21 -12.52
N GLY A 58 -8.23 10.30 -13.28
CA GLY A 58 -7.64 11.60 -12.95
C GLY A 58 -6.24 11.78 -13.54
N THR A 59 -5.66 12.96 -13.27
CA THR A 59 -4.27 13.25 -13.60
C THR A 59 -3.45 13.23 -12.31
N GLY A 60 -2.16 12.94 -12.45
CA GLY A 60 -1.27 12.85 -11.30
C GLY A 60 -1.46 11.55 -10.52
N ILE A 61 -0.90 11.51 -9.32
CA ILE A 61 -0.93 10.29 -8.49
C ILE A 61 -1.98 10.47 -7.41
N SER A 62 -3.12 9.81 -7.60
CA SER A 62 -4.19 9.84 -6.60
C SER A 62 -3.82 8.95 -5.42
N MET A 63 -4.54 9.14 -4.33
CA MET A 63 -4.46 8.30 -3.12
C MET A 63 -4.65 6.81 -3.46
N SER A 64 -5.67 6.54 -4.26
CA SER A 64 -5.96 5.20 -4.74
C SER A 64 -4.80 4.62 -5.57
N ALA A 65 -4.25 5.42 -6.47
CA ALA A 65 -3.10 5.05 -7.29
C ALA A 65 -1.81 4.82 -6.48
N CYS A 66 -1.56 5.68 -5.49
CA CYS A 66 -0.40 5.53 -4.59
C CYS A 66 -0.40 4.19 -3.87
N ARG A 67 -1.55 3.85 -3.31
CA ARG A 67 -1.74 2.59 -2.59
C ARG A 67 -1.51 1.36 -3.47
N GLU A 68 -2.12 1.34 -4.65
CA GLU A 68 -1.98 0.21 -5.56
C GLU A 68 -0.53 0.05 -6.02
N ILE A 69 0.09 1.16 -6.41
CA ILE A 69 1.49 1.17 -6.84
C ILE A 69 2.42 0.75 -5.69
N ALA A 70 2.23 1.36 -4.53
CA ALA A 70 3.05 1.06 -3.34
C ALA A 70 2.97 -0.41 -2.92
N LEU A 71 1.75 -0.94 -2.81
CA LEU A 71 1.55 -2.31 -2.35
C LEU A 71 1.94 -3.38 -3.36
N LEU A 72 1.51 -3.20 -4.61
CA LEU A 72 1.81 -4.19 -5.67
C LEU A 72 3.28 -4.21 -6.08
N ARG A 73 4.00 -3.10 -5.86
CA ARG A 73 5.46 -3.10 -5.96
C ARG A 73 6.10 -4.10 -4.98
N GLU A 74 5.50 -4.27 -3.80
CA GLU A 74 6.03 -5.14 -2.75
C GLU A 74 5.49 -6.57 -2.83
N LEU A 75 4.19 -6.71 -3.03
CA LEU A 75 3.51 -8.00 -2.91
C LEU A 75 3.82 -8.95 -4.07
N LYS A 76 4.04 -10.22 -3.73
CA LYS A 76 4.27 -11.27 -4.73
C LYS A 76 3.64 -12.57 -4.26
N HIS A 77 2.59 -13.00 -4.96
CA HIS A 77 1.88 -14.25 -4.65
C HIS A 77 1.08 -14.70 -5.88
N PRO A 78 1.07 -16.01 -6.20
CA PRO A 78 0.35 -16.54 -7.38
C PRO A 78 -1.12 -16.09 -7.55
N ASN A 79 -1.82 -15.86 -6.44
CA ASN A 79 -3.21 -15.39 -6.44
C ASN A 79 -3.44 -13.88 -6.25
N VAL A 80 -2.37 -13.08 -6.31
CA VAL A 80 -2.49 -11.62 -6.35
C VAL A 80 -1.94 -11.17 -7.69
N ILE A 81 -2.68 -10.31 -8.38
CA ILE A 81 -2.25 -9.74 -9.66
C ILE A 81 -0.90 -9.02 -9.53
N SER A 82 -0.06 -9.16 -10.54
CA SER A 82 1.29 -8.60 -10.54
C SER A 82 1.37 -7.34 -11.40
N LEU A 83 1.83 -6.25 -10.79
CA LEU A 83 2.14 -5.01 -11.50
C LEU A 83 3.47 -5.22 -12.21
N GLN A 84 3.44 -5.20 -13.54
CA GLN A 84 4.63 -5.42 -14.37
C GLN A 84 5.41 -4.12 -14.56
N LYS A 85 4.69 -3.02 -14.78
CA LYS A 85 5.33 -1.73 -15.08
C LYS A 85 4.40 -0.54 -14.79
N VAL A 86 5.03 0.61 -14.53
CA VAL A 86 4.34 1.89 -14.35
C VAL A 86 4.87 2.85 -15.41
N PHE A 87 3.97 3.48 -16.17
CA PHE A 87 4.33 4.57 -17.08
C PHE A 87 3.80 5.90 -16.53
N LEU A 88 4.68 6.90 -16.50
CA LEU A 88 4.31 8.25 -16.13
C LEU A 88 4.42 9.09 -17.39
N SER A 89 3.27 9.51 -17.92
CA SER A 89 3.19 10.30 -19.15
C SER A 89 3.26 11.78 -18.79
N HIS A 90 4.37 12.43 -19.15
CA HIS A 90 4.65 13.81 -18.74
C HIS A 90 3.81 14.88 -19.43
N ALA A 91 3.45 14.65 -20.70
CA ALA A 91 2.63 15.62 -21.46
C ALA A 91 1.29 15.89 -20.78
N ASP A 92 0.49 14.83 -20.61
CA ASP A 92 -0.87 14.93 -20.07
C ASP A 92 -0.98 14.56 -18.59
N ARG A 93 0.14 14.21 -17.96
CA ARG A 93 0.20 13.86 -16.53
C ARG A 93 -0.69 12.66 -16.16
N LYS A 94 -0.63 11.64 -17.01
CA LYS A 94 -1.43 10.43 -16.87
C LYS A 94 -0.54 9.26 -16.44
N VAL A 95 -1.01 8.47 -15.48
CA VAL A 95 -0.30 7.28 -14.98
C VAL A 95 -0.92 6.03 -15.61
N TRP A 96 -0.06 5.13 -16.07
CA TRP A 96 -0.47 3.85 -16.64
C TRP A 96 0.16 2.71 -15.86
N LEU A 97 -0.62 1.67 -15.59
CA LEU A 97 -0.16 0.45 -14.92
C LEU A 97 -0.34 -0.74 -15.86
N LEU A 98 0.71 -1.56 -15.94
CA LEU A 98 0.74 -2.73 -16.81
C LEU A 98 0.61 -3.99 -15.96
N PHE A 99 -0.40 -4.80 -16.25
CA PHE A 99 -0.55 -6.12 -15.65
C PHE A 99 -0.62 -7.17 -16.75
N ASP A 100 -0.46 -8.42 -16.34
CA ASP A 100 -0.79 -9.55 -17.20
C ASP A 100 -2.30 -9.63 -17.36
N TYR A 101 -2.75 -10.12 -18.51
CA TYR A 101 -4.14 -10.01 -18.91
C TYR A 101 -4.96 -11.23 -18.45
N ALA A 102 -6.04 -10.99 -17.73
CA ALA A 102 -6.97 -12.03 -17.29
C ALA A 102 -8.22 -11.90 -18.15
N GLU A 103 -8.55 -12.95 -18.91
CA GLU A 103 -9.72 -12.95 -19.78
C GLU A 103 -11.03 -12.93 -19.00
N HIS A 104 -11.04 -13.58 -17.83
CA HIS A 104 -12.26 -13.75 -17.05
C HIS A 104 -12.22 -13.12 -15.68
N ASP A 105 -13.38 -13.13 -15.02
CA ASP A 105 -13.51 -12.83 -13.61
C ASP A 105 -14.82 -13.42 -13.09
N LEU A 106 -15.01 -13.36 -11.77
CA LEU A 106 -16.15 -14.01 -11.13
C LEU A 106 -17.49 -13.36 -11.47
N TRP A 107 -17.51 -12.03 -11.64
CA TRP A 107 -18.72 -11.32 -12.06
C TRP A 107 -19.31 -11.93 -13.34
N HIS A 108 -18.45 -12.08 -14.35
CA HIS A 108 -18.84 -12.64 -15.64
C HIS A 108 -19.09 -14.16 -15.62
N ILE A 109 -18.29 -14.89 -14.85
CA ILE A 109 -18.53 -16.33 -14.66
C ILE A 109 -19.88 -16.58 -13.96
N ILE A 110 -20.14 -15.82 -12.90
CA ILE A 110 -21.42 -15.93 -12.16
C ILE A 110 -22.61 -15.54 -13.05
N LYS A 111 -22.46 -14.45 -13.79
CA LYS A 111 -23.50 -13.96 -14.71
C LYS A 111 -23.88 -15.00 -15.77
N PHE A 112 -22.87 -15.68 -16.34
CA PHE A 112 -23.06 -16.76 -17.31
C PHE A 112 -23.96 -17.88 -16.79
N HIS A 113 -23.72 -18.32 -15.54
CA HIS A 113 -24.52 -19.37 -14.92
C HIS A 113 -25.92 -18.89 -14.49
N ARG A 114 -26.00 -17.67 -13.95
CA ARG A 114 -27.29 -17.07 -13.58
C ARG A 114 -28.19 -16.90 -14.81
N ALA A 115 -27.61 -16.45 -15.91
CA ALA A 115 -28.31 -16.29 -17.20
C ALA A 115 -28.84 -17.62 -17.75
N SER A 116 -28.11 -18.71 -17.51
CA SER A 116 -28.53 -20.06 -17.89
C SER A 116 -29.74 -20.58 -17.12
N LYS A 117 -30.02 -20.03 -15.94
CA LYS A 117 -31.15 -20.45 -15.09
C LYS A 117 -32.54 -20.27 -15.72
N ALA A 118 -32.66 -19.35 -16.69
CA ALA A 118 -33.87 -19.21 -17.50
C ALA A 118 -34.15 -20.45 -18.36
N ASN A 119 -33.09 -21.07 -18.88
CA ASN A 119 -33.19 -22.31 -19.65
C ASN A 119 -33.38 -23.53 -18.73
N LEU A 125 -22.51 -23.58 -11.71
CA LEU A 125 -21.06 -23.76 -11.59
C LEU A 125 -20.71 -25.19 -11.15
N PRO A 126 -19.75 -25.85 -11.84
CA PRO A 126 -19.26 -27.14 -11.31
C PRO A 126 -18.69 -27.02 -9.88
N ARG A 127 -19.03 -27.99 -9.03
CA ARG A 127 -18.71 -27.92 -7.59
C ARG A 127 -17.21 -27.95 -7.30
N GLY A 128 -16.45 -28.68 -8.13
CA GLY A 128 -14.99 -28.69 -8.08
C GLY A 128 -14.36 -27.32 -8.36
N MET A 129 -14.93 -26.59 -9.33
CA MET A 129 -14.51 -25.22 -9.65
C MET A 129 -14.82 -24.25 -8.50
N VAL A 130 -15.99 -24.41 -7.88
CA VAL A 130 -16.40 -23.59 -6.73
C VAL A 130 -15.41 -23.72 -5.57
N LYS A 131 -15.04 -24.97 -5.23
CA LYS A 131 -14.05 -25.24 -4.19
C LYS A 131 -12.65 -24.66 -4.54
N SER A 132 -12.23 -24.86 -5.79
CA SER A 132 -10.92 -24.40 -6.25
C SER A 132 -10.82 -22.87 -6.31
N LEU A 133 -11.91 -22.21 -6.70
CA LEU A 133 -12.00 -20.75 -6.68
C LEU A 133 -11.86 -20.20 -5.25
N LEU A 134 -12.66 -20.75 -4.34
CA LEU A 134 -12.66 -20.34 -2.94
C LEU A 134 -11.29 -20.50 -2.29
N TYR A 135 -10.66 -21.65 -2.51
CA TYR A 135 -9.34 -21.94 -1.93
C TYR A 135 -8.27 -20.93 -2.35
N GLN A 136 -8.26 -20.56 -3.62
CA GLN A 136 -7.31 -19.59 -4.16
C GLN A 136 -7.60 -18.14 -3.71
N ILE A 137 -8.87 -17.79 -3.55
CA ILE A 137 -9.25 -16.51 -2.94
C ILE A 137 -8.73 -16.42 -1.50
N LEU A 138 -9.01 -17.45 -0.70
CA LEU A 138 -8.49 -17.53 0.68
C LEU A 138 -6.96 -17.48 0.75
N ASP A 139 -6.30 -18.17 -0.17
CA ASP A 139 -4.83 -18.21 -0.24
C ASP A 139 -4.25 -16.82 -0.54
N GLY A 140 -4.83 -16.14 -1.52
CA GLY A 140 -4.45 -14.78 -1.85
C GLY A 140 -4.68 -13.80 -0.71
N ILE A 141 -5.85 -13.90 -0.08
CA ILE A 141 -6.22 -13.00 1.03
C ILE A 141 -5.43 -13.30 2.31
N HIS A 142 -5.12 -14.58 2.54
CA HIS A 142 -4.24 -14.97 3.64
C HIS A 142 -2.85 -14.37 3.51
N TYR A 143 -2.31 -14.38 2.29
CA TYR A 143 -1.01 -13.77 2.01
C TYR A 143 -1.01 -12.26 2.29
N LEU A 144 -2.09 -11.60 1.87
CA LEU A 144 -2.25 -10.16 2.09
C LEU A 144 -2.41 -9.84 3.57
N HIS A 145 -3.25 -10.63 4.25
CA HIS A 145 -3.48 -10.49 5.70
C HIS A 145 -2.22 -10.75 6.52
N ALA A 146 -1.41 -11.73 6.07
CA ALA A 146 -0.09 -12.00 6.67
C ALA A 146 0.89 -10.82 6.56
N ASN A 147 0.70 -9.99 5.53
CA ASN A 147 1.49 -8.77 5.34
C ASN A 147 0.78 -7.49 5.81
N TRP A 148 -0.29 -7.66 6.60
CA TRP A 148 -1.10 -6.56 7.14
C TRP A 148 -1.70 -5.65 6.07
N VAL A 149 -2.08 -6.26 4.94
CA VAL A 149 -2.76 -5.59 3.85
C VAL A 149 -4.21 -6.06 3.84
N LEU A 150 -5.13 -5.11 3.97
CA LEU A 150 -6.56 -5.37 3.81
C LEU A 150 -6.97 -4.95 2.39
N HIS A 151 -7.78 -5.76 1.73
CA HIS A 151 -8.28 -5.38 0.39
C HIS A 151 -9.29 -4.25 0.53
N ARG A 152 -10.25 -4.45 1.43
CA ARG A 152 -11.24 -3.44 1.87
C ARG A 152 -12.45 -3.23 0.94
N ASP A 153 -12.50 -3.95 -0.19
CA ASP A 153 -13.68 -3.93 -1.07
C ASP A 153 -13.68 -5.16 -2.02
N LEU A 154 -13.61 -6.35 -1.41
CA LEU A 154 -13.64 -7.61 -2.18
C LEU A 154 -15.04 -7.88 -2.75
N LYS A 155 -15.06 -8.22 -4.04
CA LYS A 155 -16.29 -8.53 -4.76
C LYS A 155 -15.98 -9.33 -6.03
N PRO A 156 -16.97 -10.01 -6.63
CA PRO A 156 -16.74 -10.76 -7.89
C PRO A 156 -16.04 -9.98 -9.02
N ALA A 157 -16.34 -8.69 -9.14
CA ALA A 157 -15.75 -7.85 -10.19
C ALA A 157 -14.22 -7.66 -10.12
N ASN A 158 -13.61 -7.83 -8.95
CA ASN A 158 -12.15 -7.70 -8.78
C ASN A 158 -11.42 -8.99 -8.40
N ILE A 159 -12.10 -10.13 -8.60
CA ILE A 159 -11.47 -11.45 -8.50
C ILE A 159 -11.34 -11.97 -9.94
N LEU A 160 -10.16 -11.78 -10.51
CA LEU A 160 -9.87 -12.18 -11.88
C LEU A 160 -9.57 -13.67 -11.95
N VAL A 161 -9.78 -14.25 -13.12
CA VAL A 161 -9.38 -15.62 -13.42
C VAL A 161 -8.72 -15.62 -14.78
N MET A 162 -7.50 -16.18 -14.85
CA MET A 162 -6.76 -16.24 -16.10
C MET A 162 -7.44 -17.20 -17.09
N GLY A 163 -7.44 -16.81 -18.37
CA GLY A 163 -7.94 -17.66 -19.46
C GLY A 163 -6.82 -18.51 -20.02
N GLU A 164 -6.97 -18.95 -21.28
CA GLU A 164 -5.98 -19.81 -21.95
C GLU A 164 -4.58 -19.18 -21.92
N GLY A 165 -3.57 -20.04 -21.68
CA GLY A 165 -2.19 -19.62 -21.45
C GLY A 165 -1.53 -20.44 -20.35
N PRO A 166 -0.27 -20.10 -19.99
CA PRO A 166 0.46 -20.84 -18.95
C PRO A 166 -0.13 -20.78 -17.52
N GLU A 167 -0.96 -19.78 -17.21
CA GLU A 167 -1.65 -19.67 -15.89
C GLU A 167 -3.15 -20.01 -15.94
N ARG A 168 -3.56 -20.82 -16.92
CA ARG A 168 -4.97 -21.23 -17.11
C ARG A 168 -5.74 -21.53 -15.81
N GLY A 169 -6.83 -20.80 -15.59
CA GLY A 169 -7.71 -20.98 -14.42
C GLY A 169 -7.12 -20.61 -13.06
N ARG A 170 -6.13 -19.72 -13.05
CA ARG A 170 -5.56 -19.23 -11.81
C ARG A 170 -6.29 -17.96 -11.40
N VAL A 171 -6.75 -17.92 -10.14
CA VAL A 171 -7.37 -16.73 -9.55
C VAL A 171 -6.31 -15.64 -9.35
N LYS A 172 -6.66 -14.40 -9.68
CA LYS A 172 -5.84 -13.22 -9.35
C LYS A 172 -6.73 -12.17 -8.67
N ILE A 173 -6.44 -11.88 -7.40
CA ILE A 173 -7.11 -10.79 -6.70
C ILE A 173 -6.53 -9.48 -7.25
N ALA A 174 -7.42 -8.58 -7.64
CA ALA A 174 -7.05 -7.30 -8.23
C ALA A 174 -7.66 -6.12 -7.46
N ASP A 175 -7.28 -4.92 -7.87
CA ASP A 175 -7.78 -3.65 -7.33
C ASP A 175 -7.33 -3.42 -5.88
N MET A 176 -6.06 -3.06 -5.73
CA MET A 176 -5.46 -2.69 -4.44
C MET A 176 -5.53 -1.17 -4.19
N GLY A 177 -6.47 -0.49 -4.85
CA GLY A 177 -6.58 0.96 -4.79
C GLY A 177 -7.60 1.50 -3.80
N PHE A 178 -8.31 0.65 -3.07
CA PHE A 178 -9.34 1.13 -2.14
C PHE A 178 -8.70 1.85 -0.94
N ALA A 179 -8.49 3.15 -1.10
CA ALA A 179 -7.82 3.97 -0.10
C ALA A 179 -8.84 4.57 0.87
N ARG A 180 -8.73 4.20 2.15
CA ARG A 180 -9.63 4.67 3.21
C ARG A 180 -9.04 4.42 4.59
N VAL A 197 -24.41 3.31 -5.38
CA VAL A 197 -23.58 2.35 -4.65
C VAL A 197 -24.42 1.19 -4.09
N THR A 198 -23.80 0.00 -4.02
CA THR A 198 -24.43 -1.20 -3.44
C THR A 198 -23.53 -1.81 -2.35
N PHE A 199 -24.17 -2.45 -1.37
CA PHE A 199 -23.49 -2.93 -0.14
C PHE A 199 -23.71 -4.42 0.13
N TRP A 200 -23.82 -5.22 -0.94
CA TRP A 200 -24.14 -6.65 -0.81
C TRP A 200 -23.03 -7.48 -0.14
N TYR A 201 -21.80 -7.01 -0.25
CA TYR A 201 -20.62 -7.70 0.26
C TYR A 201 -20.06 -7.07 1.55
N ARG A 202 -20.80 -6.12 2.13
CA ARG A 202 -20.35 -5.34 3.28
C ARG A 202 -20.85 -5.96 4.58
N ALA A 203 -19.93 -6.23 5.49
CA ALA A 203 -20.24 -6.87 6.77
C ALA A 203 -21.13 -5.98 7.66
N PRO A 204 -21.98 -6.60 8.50
CA PRO A 204 -22.96 -5.83 9.28
C PRO A 204 -22.36 -4.76 10.21
N GLU A 205 -21.15 -5.01 10.74
CA GLU A 205 -20.48 -4.01 11.59
C GLU A 205 -20.22 -2.68 10.87
N LEU A 206 -19.87 -2.74 9.59
CA LEU A 206 -19.73 -1.52 8.77
C LEU A 206 -21.07 -0.81 8.63
N LEU A 207 -22.12 -1.58 8.39
CA LEU A 207 -23.49 -1.07 8.30
C LEU A 207 -24.02 -0.51 9.61
N LEU A 208 -23.44 -0.94 10.74
CA LEU A 208 -23.76 -0.39 12.07
C LEU A 208 -22.72 0.63 12.58
N GLY A 209 -21.86 1.12 11.68
CA GLY A 209 -20.98 2.26 11.97
C GLY A 209 -19.59 1.95 12.49
N ALA A 210 -19.02 0.81 12.10
CA ALA A 210 -17.62 0.49 12.44
C ALA A 210 -16.66 1.50 11.80
N ARG A 211 -15.72 2.01 12.59
CA ARG A 211 -14.86 3.14 12.18
C ARG A 211 -13.62 2.70 11.40
N HIS A 212 -13.13 1.47 11.67
CA HIS A 212 -11.97 0.90 10.98
C HIS A 212 -12.33 -0.28 10.09
N TYR A 213 -11.57 -0.45 9.01
CA TYR A 213 -11.57 -1.70 8.23
C TYR A 213 -10.73 -2.74 8.97
N THR A 214 -11.10 -4.01 8.80
CA THR A 214 -10.47 -5.14 9.50
C THR A 214 -10.31 -6.34 8.57
N LYS A 215 -9.57 -7.34 9.05
CA LYS A 215 -9.44 -8.61 8.34
C LYS A 215 -10.80 -9.33 8.30
N ALA A 216 -11.52 -9.32 9.41
CA ALA A 216 -12.89 -9.90 9.47
C ALA A 216 -13.82 -9.39 8.37
N ILE A 217 -13.76 -8.09 8.08
CA ILE A 217 -14.52 -7.47 6.99
C ILE A 217 -14.22 -8.09 5.59
N ASP A 218 -12.95 -8.38 5.31
CA ASP A 218 -12.58 -9.11 4.09
C ASP A 218 -13.14 -10.54 4.05
N ILE A 219 -13.21 -11.19 5.21
CA ILE A 219 -13.69 -12.58 5.31
C ILE A 219 -15.21 -12.69 5.12
N TRP A 220 -15.96 -11.72 5.63
CA TRP A 220 -17.40 -11.66 5.37
C TRP A 220 -17.68 -11.56 3.86
N ALA A 221 -16.92 -10.71 3.18
CA ALA A 221 -17.03 -10.53 1.73
C ALA A 221 -16.76 -11.83 0.98
N ILE A 222 -15.77 -12.60 1.43
CA ILE A 222 -15.47 -13.92 0.87
C ILE A 222 -16.59 -14.91 1.14
N GLY A 223 -17.19 -14.84 2.33
CA GLY A 223 -18.41 -15.57 2.63
C GLY A 223 -19.53 -15.28 1.64
N CYS A 224 -19.82 -14.00 1.41
CA CYS A 224 -20.85 -13.58 0.41
C CYS A 224 -20.55 -14.09 -1.00
N ILE A 225 -19.28 -14.02 -1.38
CA ILE A 225 -18.82 -14.49 -2.69
C ILE A 225 -18.98 -16.01 -2.82
N PHE A 226 -18.66 -16.75 -1.76
CA PHE A 226 -18.80 -18.22 -1.74
C PHE A 226 -20.27 -18.67 -1.85
N ALA A 227 -21.16 -18.03 -1.10
CA ALA A 227 -22.61 -18.25 -1.25
C ALA A 227 -23.08 -18.03 -2.70
N GLU A 228 -22.60 -16.94 -3.30
CA GLU A 228 -22.92 -16.61 -4.69
C GLU A 228 -22.38 -17.60 -5.72
N LEU A 229 -21.19 -18.16 -5.46
CA LEU A 229 -20.63 -19.24 -6.28
C LEU A 229 -21.47 -20.52 -6.21
N LEU A 230 -22.03 -20.81 -5.04
CA LEU A 230 -22.89 -21.98 -4.84
C LEU A 230 -24.28 -21.86 -5.47
N THR A 231 -24.85 -20.66 -5.48
CA THR A 231 -26.24 -20.45 -5.93
C THR A 231 -26.39 -19.66 -7.23
N SER A 232 -25.29 -19.09 -7.74
CA SER A 232 -25.30 -18.08 -8.82
C SER A 232 -26.10 -16.80 -8.50
N GLU A 233 -26.34 -16.53 -7.22
CA GLU A 233 -27.26 -15.48 -6.75
C GLU A 233 -26.57 -14.68 -5.65
N PRO A 234 -26.64 -13.32 -5.69
CA PRO A 234 -26.06 -12.56 -4.57
C PRO A 234 -26.89 -12.73 -3.30
N ILE A 235 -26.29 -13.37 -2.29
CA ILE A 235 -26.99 -13.73 -1.05
C ILE A 235 -27.64 -12.55 -0.32
N PHE A 236 -26.97 -11.40 -0.26
CA PHE A 236 -27.54 -10.23 0.41
C PHE A 236 -27.94 -9.14 -0.60
N HIS A 237 -28.53 -9.59 -1.71
CA HIS A 237 -29.00 -8.69 -2.77
C HIS A 237 -30.10 -7.78 -2.25
N CYS A 238 -30.03 -6.51 -2.69
CA CYS A 238 -30.80 -5.42 -2.14
C CYS A 238 -30.92 -4.32 -3.19
N ARG A 239 -32.01 -3.54 -3.16
CA ARG A 239 -32.12 -2.37 -4.04
C ARG A 239 -31.02 -1.35 -3.72
N GLN A 240 -30.51 -0.67 -4.75
CA GLN A 240 -29.46 0.34 -4.59
C GLN A 240 -29.97 1.58 -3.86
N ASN A 247 -23.13 8.53 6.29
CA ASN A 247 -24.27 7.74 6.76
C ASN A 247 -24.04 6.23 6.53
N PRO A 248 -23.28 5.57 7.44
CA PRO A 248 -23.04 4.12 7.31
C PRO A 248 -24.26 3.23 7.57
N TYR A 249 -25.28 3.74 8.26
CA TYR A 249 -26.51 2.97 8.52
C TYR A 249 -27.37 2.82 7.26
N HIS A 250 -27.60 1.57 6.86
CA HIS A 250 -28.40 1.24 5.66
C HIS A 250 -29.48 0.20 6.01
N HIS A 251 -30.70 0.68 6.24
CA HIS A 251 -31.82 -0.12 6.76
C HIS A 251 -32.18 -1.35 5.91
N ASP A 252 -32.32 -1.13 4.60
CA ASP A 252 -32.78 -2.18 3.67
C ASP A 252 -31.75 -3.29 3.47
N GLN A 253 -30.47 -2.93 3.51
CA GLN A 253 -29.37 -3.89 3.44
C GLN A 253 -29.33 -4.77 4.69
N LEU A 254 -29.50 -4.16 5.87
CA LEU A 254 -29.60 -4.90 7.13
C LEU A 254 -30.81 -5.82 7.15
N ASP A 255 -31.97 -5.31 6.73
CA ASP A 255 -33.21 -6.08 6.62
C ASP A 255 -33.04 -7.35 5.78
N ARG A 256 -32.35 -7.23 4.65
CA ARG A 256 -32.03 -8.38 3.79
C ARG A 256 -31.11 -9.40 4.48
N ILE A 257 -30.08 -8.90 5.19
CA ILE A 257 -29.17 -9.77 5.95
C ILE A 257 -29.93 -10.58 7.02
N PHE A 258 -30.83 -9.94 7.75
CA PHE A 258 -31.64 -10.63 8.78
C PHE A 258 -32.68 -11.58 8.18
N ASN A 259 -33.23 -11.26 7.01
CA ASN A 259 -34.11 -12.18 6.27
C ASN A 259 -33.41 -13.47 5.84
N VAL A 260 -32.10 -13.38 5.58
CA VAL A 260 -31.29 -14.54 5.24
C VAL A 260 -30.76 -15.21 6.52
N MET A 261 -30.13 -14.44 7.38
CA MET A 261 -29.39 -14.98 8.53
C MET A 261 -30.21 -15.14 9.80
N GLY A 262 -31.33 -14.44 9.92
CA GLY A 262 -32.01 -14.25 11.19
C GLY A 262 -31.44 -13.04 11.92
N PHE A 263 -32.16 -12.56 12.93
CA PHE A 263 -31.72 -11.43 13.75
C PHE A 263 -30.81 -11.97 14.85
N PRO A 264 -29.64 -11.32 15.08
CA PRO A 264 -28.68 -11.91 16.02
C PRO A 264 -29.15 -11.87 17.48
N ALA A 265 -29.00 -12.99 18.18
CA ALA A 265 -29.27 -13.04 19.62
C ALA A 265 -28.24 -12.22 20.39
N ASP A 266 -28.59 -11.82 21.60
CA ASP A 266 -27.68 -11.06 22.47
C ASP A 266 -26.34 -11.78 22.67
N LYS A 267 -26.40 -13.10 22.86
CA LYS A 267 -25.21 -13.94 23.05
C LYS A 267 -24.42 -14.21 21.76
N ASP A 268 -25.09 -14.18 20.61
CA ASP A 268 -24.42 -14.30 19.30
C ASP A 268 -23.46 -13.16 19.00
N TRP A 269 -23.81 -11.95 19.47
CA TRP A 269 -23.02 -10.75 19.20
C TRP A 269 -23.13 -9.77 20.37
N GLU A 270 -22.35 -10.03 21.42
CA GLU A 270 -22.42 -9.27 22.67
C GLU A 270 -21.94 -7.82 22.56
N ASP A 271 -20.93 -7.57 21.73
CA ASP A 271 -20.43 -6.21 21.48
C ASP A 271 -21.24 -5.39 20.45
N ILE A 272 -22.38 -5.91 19.98
CA ILE A 272 -23.27 -5.13 19.11
C ILE A 272 -23.74 -3.83 19.79
N LYS A 273 -23.91 -3.87 21.12
CA LYS A 273 -24.26 -2.67 21.93
C LYS A 273 -23.27 -1.51 21.78
N LYS A 274 -21.99 -1.82 21.59
CA LYS A 274 -20.95 -0.80 21.40
C LYS A 274 -20.95 -0.13 20.02
N MET A 275 -21.70 -0.67 19.06
CA MET A 275 -21.78 -0.09 17.70
C MET A 275 -22.52 1.26 17.73
N PRO A 276 -21.99 2.29 17.04
CA PRO A 276 -22.64 3.63 17.01
C PRO A 276 -24.10 3.68 16.55
N GLU A 277 -24.53 2.74 15.71
CA GLU A 277 -25.89 2.70 15.18
C GLU A 277 -26.81 1.68 15.88
N HIS A 278 -26.39 1.15 17.04
CA HIS A 278 -27.17 0.13 17.74
C HIS A 278 -28.56 0.60 18.21
N SER A 279 -28.64 1.83 18.72
CA SER A 279 -29.93 2.39 19.14
C SER A 279 -30.89 2.58 17.96
N THR A 280 -30.33 2.94 16.81
CA THR A 280 -31.09 3.03 15.55
C THR A 280 -31.58 1.65 15.10
N LEU A 281 -30.74 0.63 15.29
CA LEU A 281 -31.12 -0.75 14.99
C LEU A 281 -32.28 -1.22 15.89
N MET A 282 -32.15 -0.94 17.19
CA MET A 282 -33.22 -1.24 18.16
C MET A 282 -34.51 -0.48 17.84
N LYS A 283 -34.37 0.77 17.38
CA LYS A 283 -35.51 1.59 16.97
C LYS A 283 -36.24 1.02 15.75
N ASP A 284 -35.49 0.62 14.72
CA ASP A 284 -36.08 0.21 13.43
C ASP A 284 -36.40 -1.28 13.28
N PHE A 285 -35.87 -2.14 14.15
CA PHE A 285 -36.00 -3.60 14.01
C PHE A 285 -36.49 -4.30 15.28
N ARG A 286 -37.31 -5.33 15.06
CA ARG A 286 -37.76 -6.25 16.09
C ARG A 286 -37.33 -7.67 15.71
N ARG A 287 -36.69 -8.38 16.65
CA ARG A 287 -36.26 -9.78 16.47
C ARG A 287 -37.34 -10.73 15.92
N ASN A 288 -38.56 -10.56 16.42
CA ASN A 288 -39.72 -11.38 16.00
C ASN A 288 -40.03 -11.42 14.50
N THR A 289 -39.67 -10.37 13.77
CA THR A 289 -39.81 -10.33 12.31
C THR A 289 -39.04 -11.45 11.58
N TYR A 290 -37.94 -11.91 12.17
CA TYR A 290 -37.04 -12.88 11.52
C TYR A 290 -36.95 -14.23 12.25
N THR A 291 -38.03 -14.63 12.93
CA THR A 291 -38.07 -15.85 13.76
C THR A 291 -37.84 -17.15 12.98
N ASN A 292 -38.36 -17.21 11.76
CA ASN A 292 -38.21 -18.38 10.89
C ASN A 292 -37.03 -18.28 9.91
N CYS A 293 -36.19 -17.25 10.06
CA CYS A 293 -35.09 -17.00 9.13
C CYS A 293 -33.76 -17.57 9.65
N SER A 294 -33.09 -18.38 8.82
CA SER A 294 -31.73 -18.82 9.08
C SER A 294 -31.02 -19.12 7.76
N LEU A 295 -29.69 -19.13 7.82
CA LEU A 295 -28.87 -19.51 6.66
C LEU A 295 -29.17 -20.93 6.17
N ILE A 296 -29.48 -21.85 7.10
CA ILE A 296 -29.89 -23.23 6.76
C ILE A 296 -31.07 -23.22 5.80
N LYS A 297 -32.14 -22.51 6.17
CA LYS A 297 -33.35 -22.44 5.36
C LYS A 297 -33.14 -21.71 4.04
N TYR A 298 -32.34 -20.63 4.04
CA TYR A 298 -31.99 -19.95 2.79
C TYR A 298 -31.27 -20.91 1.83
N MET A 299 -30.17 -21.51 2.30
CA MET A 299 -29.37 -22.40 1.45
C MET A 299 -30.11 -23.68 1.04
N GLU A 300 -30.99 -24.19 1.90
CA GLU A 300 -31.94 -25.28 1.56
C GLU A 300 -32.82 -24.97 0.35
N LYS A 301 -33.28 -23.72 0.24
CA LYS A 301 -34.08 -23.27 -0.93
C LYS A 301 -33.26 -23.32 -2.24
N HIS A 302 -31.96 -23.07 -2.16
CA HIS A 302 -31.07 -23.10 -3.34
C HIS A 302 -30.33 -24.45 -3.51
N LYS A 303 -30.89 -25.51 -2.93
CA LYS A 303 -30.42 -26.89 -3.14
C LYS A 303 -28.97 -27.15 -2.69
N VAL A 304 -28.56 -26.42 -1.64
CA VAL A 304 -27.27 -26.65 -0.98
C VAL A 304 -27.59 -27.36 0.34
N LYS A 305 -26.97 -28.52 0.54
CA LYS A 305 -27.26 -29.38 1.68
C LYS A 305 -26.68 -28.78 2.97
N PRO A 306 -27.53 -28.55 4.00
CA PRO A 306 -26.99 -28.04 5.27
C PRO A 306 -26.02 -28.98 6.02
N ASP A 307 -26.05 -30.28 5.69
CA ASP A 307 -25.07 -31.24 6.22
C ASP A 307 -23.71 -31.20 5.49
N SER A 308 -23.64 -30.51 4.34
CA SER A 308 -22.40 -30.48 3.54
C SER A 308 -21.28 -29.73 4.26
N LYS A 309 -20.04 -30.14 4.00
CA LYS A 309 -18.86 -29.42 4.50
C LYS A 309 -18.80 -27.99 3.95
N ALA A 310 -19.25 -27.81 2.70
CA ALA A 310 -19.43 -26.48 2.10
C ALA A 310 -20.28 -25.54 2.96
N PHE A 311 -21.46 -26.01 3.37
CA PHE A 311 -22.37 -25.20 4.20
C PHE A 311 -21.74 -24.80 5.53
N HIS A 312 -21.11 -25.75 6.20
CA HIS A 312 -20.50 -25.49 7.52
C HIS A 312 -19.33 -24.51 7.43
N LEU A 313 -18.54 -24.61 6.37
CA LEU A 313 -17.51 -23.60 6.10
C LEU A 313 -18.15 -22.23 5.80
N LEU A 314 -19.19 -22.22 4.96
CA LEU A 314 -19.91 -20.98 4.63
C LEU A 314 -20.43 -20.26 5.89
N GLN A 315 -21.03 -21.02 6.79
CA GLN A 315 -21.62 -20.47 8.02
C GLN A 315 -20.58 -19.82 8.93
N LYS A 316 -19.39 -20.42 9.00
CA LYS A 316 -18.26 -19.85 9.76
C LYS A 316 -17.70 -18.56 9.14
N LEU A 317 -17.70 -18.45 7.82
CA LEU A 317 -17.35 -17.21 7.11
C LEU A 317 -18.42 -16.13 7.35
N LEU A 318 -19.69 -16.52 7.27
CA LEU A 318 -20.82 -15.59 7.46
C LEU A 318 -21.31 -15.62 8.91
N THR A 319 -20.40 -15.29 9.83
CA THR A 319 -20.73 -15.13 11.23
C THR A 319 -20.92 -13.64 11.47
N MET A 320 -21.97 -13.27 12.19
CA MET A 320 -22.39 -11.87 12.34
C MET A 320 -21.43 -11.05 13.20
N ASP A 321 -21.04 -11.60 14.34
CA ASP A 321 -20.04 -10.99 15.20
C ASP A 321 -18.66 -11.18 14.53
N PRO A 322 -17.96 -10.07 14.17
CA PRO A 322 -16.63 -10.18 13.52
C PRO A 322 -15.55 -10.92 14.31
N ILE A 323 -15.58 -10.82 15.64
CA ILE A 323 -14.62 -11.57 16.47
C ILE A 323 -14.89 -13.07 16.49
N LYS A 324 -16.10 -13.49 16.09
CA LYS A 324 -16.46 -14.91 15.96
C LYS A 324 -16.34 -15.46 14.53
N ARG A 325 -15.81 -14.64 13.63
CA ARG A 325 -15.64 -15.00 12.24
C ARG A 325 -14.32 -15.78 12.12
N ILE A 326 -14.35 -16.81 11.28
CA ILE A 326 -13.16 -17.59 10.97
C ILE A 326 -12.09 -16.73 10.26
N THR A 327 -10.81 -17.00 10.50
CA THR A 327 -9.72 -16.35 9.75
C THR A 327 -9.49 -17.06 8.41
N SER A 328 -8.70 -16.43 7.54
CA SER A 328 -8.37 -16.99 6.24
C SER A 328 -7.56 -18.30 6.37
N GLU A 329 -6.54 -18.30 7.23
CA GLU A 329 -5.74 -19.53 7.46
C GLU A 329 -6.57 -20.71 8.00
N GLN A 330 -7.45 -20.43 8.96
CA GLN A 330 -8.35 -21.46 9.52
C GLN A 330 -9.32 -22.01 8.48
N ALA A 331 -9.83 -21.13 7.61
CA ALA A 331 -10.70 -21.54 6.52
C ALA A 331 -9.96 -22.45 5.52
N MET A 332 -8.74 -22.08 5.15
CA MET A 332 -7.87 -22.93 4.31
C MET A 332 -7.56 -24.33 4.90
N GLN A 333 -7.56 -24.44 6.22
N GLN A 333 -7.58 -24.44 6.22
CA GLN A 333 -7.39 -25.72 6.92
CA GLN A 333 -7.41 -25.73 6.92
C GLN A 333 -8.72 -26.48 7.16
C GLN A 333 -8.72 -26.47 7.17
N ASP A 334 -9.83 -26.01 6.58
CA ASP A 334 -11.14 -26.65 6.75
C ASP A 334 -11.17 -28.03 6.06
N PRO A 335 -11.82 -29.05 6.68
CA PRO A 335 -11.91 -30.38 6.04
C PRO A 335 -12.67 -30.46 4.71
N TYR A 336 -13.45 -29.43 4.38
CA TYR A 336 -14.01 -29.22 3.03
C TYR A 336 -12.97 -29.35 1.91
N PHE A 337 -11.79 -28.77 2.14
CA PHE A 337 -10.70 -28.81 1.15
C PHE A 337 -9.91 -30.12 1.13
N LEU A 338 -10.08 -30.95 2.15
CA LEU A 338 -9.55 -32.32 2.16
C LEU A 338 -10.53 -33.33 1.54
N GLU A 339 -11.82 -32.96 1.48
CA GLU A 339 -12.87 -33.79 0.88
C GLU A 339 -12.76 -33.84 -0.65
N ASP A 340 -13.20 -34.95 -1.25
CA ASP A 340 -13.21 -35.10 -2.71
C ASP A 340 -14.31 -34.20 -3.31
N PRO A 341 -14.01 -33.51 -4.43
CA PRO A 341 -12.73 -33.39 -5.14
C PRO A 341 -11.84 -32.35 -4.47
N LEU A 342 -10.53 -32.56 -4.49
CA LEU A 342 -9.58 -31.58 -3.98
C LEU A 342 -9.53 -30.34 -4.87
N PRO A 343 -9.17 -29.17 -4.30
CA PRO A 343 -9.02 -27.98 -5.13
C PRO A 343 -7.85 -28.12 -6.10
N THR A 344 -8.05 -27.67 -7.34
CA THR A 344 -7.03 -27.71 -8.38
C THR A 344 -6.51 -26.30 -8.66
N SER A 345 -5.28 -26.22 -9.15
CA SER A 345 -4.63 -24.94 -9.46
C SER A 345 -5.26 -24.24 -10.67
N ASP A 346 -5.66 -25.03 -11.65
CA ASP A 346 -6.53 -24.59 -12.76
C ASP A 346 -7.96 -24.87 -12.30
N VAL A 347 -8.72 -23.82 -12.00
CA VAL A 347 -10.10 -23.98 -11.51
C VAL A 347 -11.05 -24.65 -12.52
N PHE A 348 -10.71 -24.55 -13.81
CA PHE A 348 -11.45 -25.23 -14.88
C PHE A 348 -11.06 -26.71 -15.04
N ALA A 349 -9.92 -27.10 -14.45
CA ALA A 349 -9.48 -28.51 -14.37
C ALA A 349 -9.28 -29.18 -15.74
N GLY A 350 -8.65 -28.46 -16.67
CA GLY A 350 -8.42 -28.96 -18.02
C GLY A 350 -9.62 -28.95 -18.99
N CYS A 351 -10.84 -28.84 -18.44
CA CYS A 351 -12.07 -28.84 -19.24
C CYS A 351 -12.19 -27.54 -20.03
N GLN A 352 -12.94 -27.60 -21.15
CA GLN A 352 -13.07 -26.46 -22.06
C GLN A 352 -13.75 -25.26 -21.39
N ILE A 353 -13.19 -24.07 -21.57
CA ILE A 353 -13.72 -22.83 -20.99
C ILE A 353 -14.92 -22.36 -21.84
N PRO A 354 -16.15 -22.41 -21.28
CA PRO A 354 -17.33 -21.96 -22.03
C PRO A 354 -17.63 -20.45 -21.92
N TYR A 355 -16.89 -19.74 -21.06
CA TYR A 355 -17.18 -18.32 -20.77
C TYR A 355 -16.62 -17.47 -21.91
N PRO A 356 -17.42 -16.52 -22.45
CA PRO A 356 -16.92 -15.73 -23.57
C PRO A 356 -15.73 -14.80 -23.22
N LYS A 357 -14.95 -14.47 -24.25
CA LYS A 357 -13.85 -13.51 -24.13
C LYS A 357 -14.42 -12.10 -23.94
N ARG A 358 -13.56 -11.19 -23.48
CA ARG A 358 -13.99 -9.81 -23.21
C ARG A 358 -14.27 -9.08 -24.51
N GLU A 359 -15.45 -8.46 -24.58
CA GLU A 359 -15.81 -7.61 -25.71
C GLU A 359 -15.13 -6.26 -25.56
N PHE A 360 -14.80 -5.66 -26.70
CA PHE A 360 -14.24 -4.31 -26.72
C PHE A 360 -15.37 -3.29 -26.64
N LEU A 361 -15.06 -2.16 -26.01
CA LEU A 361 -16.03 -1.10 -25.78
C LEU A 361 -15.83 0.00 -26.82
N THR A 362 -16.82 0.18 -27.69
CA THR A 362 -16.84 1.25 -28.70
C THR A 362 -17.80 2.40 -28.30
N GLU A 363 -18.01 2.58 -27.00
CA GLU A 363 -18.85 3.67 -26.50
C GLU A 363 -18.02 4.95 -26.42
N GLU A 364 -18.62 6.07 -26.82
CA GLU A 364 -18.05 7.40 -26.59
C GLU A 364 -18.47 7.87 -25.19
N GLU A 365 -17.72 8.81 -24.62
CA GLU A 365 -18.07 9.41 -23.33
C GLU A 365 -17.42 10.79 -23.15
N ASP B 1 -3.25 -0.50 7.94
CA ASP B 1 -2.47 0.45 8.81
C ASP B 1 -1.00 0.04 9.03
N LYS B 2 -0.75 -1.27 9.18
CA LYS B 2 0.60 -1.81 9.41
C LYS B 2 1.19 -2.47 8.15
N ALA B 3 0.85 -1.93 6.97
CA ALA B 3 1.09 -2.61 5.69
C ALA B 3 2.56 -3.01 5.44
N MET B 4 2.73 -4.29 5.11
CA MET B 4 4.04 -4.93 4.84
C MET B 4 4.96 -5.12 6.07
N ALA B 5 4.39 -5.04 7.27
CA ALA B 5 5.14 -5.35 8.50
C ALA B 5 5.59 -6.81 8.47
N GLY B 6 6.88 -7.04 8.71
CA GLY B 6 7.49 -8.37 8.68
C GLY B 6 8.02 -8.86 7.34
N ASN B 7 7.91 -8.02 6.29
CA ASN B 7 8.33 -8.41 4.94
C ASN B 7 9.67 -7.81 4.46
N PHE B 8 10.44 -7.23 5.38
CA PHE B 8 11.65 -6.46 5.00
C PHE B 8 12.62 -7.21 4.10
N TRP B 9 12.91 -8.47 4.44
CA TRP B 9 13.87 -9.27 3.68
C TRP B 9 13.43 -9.61 2.24
N GLN B 10 12.12 -9.48 1.96
CA GLN B 10 11.58 -9.61 0.59
C GLN B 10 11.17 -8.25 -0.03
N SER B 11 11.56 -7.14 0.61
CA SER B 11 11.05 -5.82 0.27
C SER B 11 11.92 -5.12 -0.77
N SER B 12 11.33 -4.14 -1.47
CA SER B 12 12.10 -3.26 -2.36
C SER B 12 13.12 -2.39 -1.58
N HIS B 13 12.77 -2.02 -0.34
CA HIS B 13 13.71 -1.32 0.55
C HIS B 13 15.02 -2.12 0.66
N TYR B 14 14.92 -3.37 1.11
CA TYR B 14 16.11 -4.22 1.26
C TYR B 14 16.78 -4.53 -0.09
N LEU B 15 15.99 -4.94 -1.08
CA LEU B 15 16.52 -5.44 -2.36
C LEU B 15 17.05 -4.38 -3.33
N GLN B 16 16.46 -3.18 -3.30
CA GLN B 16 16.89 -2.08 -4.18
C GLN B 16 17.54 -0.88 -3.46
N TRP B 17 17.25 -0.68 -2.18
CA TRP B 17 17.57 0.59 -1.50
C TRP B 17 18.41 0.48 -0.22
N ILE B 18 18.99 -0.68 0.01
CA ILE B 18 20.16 -0.81 0.88
C ILE B 18 21.36 -0.78 -0.06
N LEU B 19 22.06 0.36 -0.08
CA LEU B 19 23.13 0.62 -1.03
C LEU B 19 24.50 0.30 -0.45
N ASP B 20 25.49 0.15 -1.33
CA ASP B 20 26.87 -0.05 -0.93
C ASP B 20 27.52 1.31 -0.66
N LYS B 21 28.29 1.38 0.42
CA LYS B 21 28.94 2.63 0.87
C LYS B 21 29.87 3.25 -0.18
N GLN B 22 30.67 2.40 -0.82
CA GLN B 22 31.65 2.85 -1.83
C GLN B 22 30.99 3.28 -3.15
N ASP B 23 29.90 2.61 -3.52
CA ASP B 23 29.06 3.04 -4.65
C ASP B 23 28.42 4.41 -4.41
N LEU B 24 27.89 4.59 -3.20
CA LEU B 24 27.27 5.85 -2.78
C LEU B 24 28.28 7.00 -2.78
N LEU B 25 29.47 6.73 -2.26
CA LEU B 25 30.58 7.70 -2.28
C LEU B 25 31.08 8.03 -3.70
N LYS B 26 31.05 7.05 -4.60
CA LYS B 26 31.46 7.23 -6.00
C LYS B 26 30.53 8.16 -6.77
N GLU B 27 29.21 7.96 -6.64
CA GLU B 27 28.21 8.87 -7.25
C GLU B 27 28.24 10.28 -6.65
N ARG B 28 28.66 10.39 -5.39
CA ARG B 28 28.77 11.68 -4.71
C ARG B 28 29.92 12.56 -5.23
N GLN B 29 30.92 11.96 -5.88
CA GLN B 29 32.12 12.68 -6.35
C GLN B 29 31.85 13.86 -7.30
N LYS B 30 30.79 13.78 -8.09
CA LYS B 30 30.40 14.89 -8.99
C LYS B 30 30.06 16.17 -8.22
N ASP B 31 29.39 16.03 -7.08
CA ASP B 31 29.11 17.15 -6.16
C ASP B 31 30.30 17.54 -5.30
N LEU B 32 31.20 16.59 -5.02
CA LEU B 32 32.42 16.87 -4.22
C LEU B 32 33.49 17.71 -4.94
N LYS B 33 33.27 18.01 -6.23
CA LYS B 33 34.04 19.05 -6.93
C LYS B 33 33.72 20.44 -6.38
N PHE B 34 32.44 20.65 -6.05
CA PHE B 34 31.93 21.95 -5.60
C PHE B 34 31.97 22.13 -4.08
N LEU B 35 31.71 21.05 -3.35
CA LEU B 35 31.63 21.05 -1.88
C LEU B 35 32.68 20.10 -1.32
N SER B 36 33.04 20.32 -0.06
CA SER B 36 33.83 19.33 0.68
C SER B 36 32.90 18.24 1.23
N GLU B 37 33.52 17.13 1.66
CA GLU B 37 32.82 16.04 2.35
C GLU B 37 32.09 16.54 3.60
N GLU B 38 32.72 17.46 4.33
CA GLU B 38 32.13 18.10 5.51
C GLU B 38 30.92 18.94 5.12
N GLU B 39 31.08 19.80 4.12
CA GLU B 39 29.99 20.64 3.59
C GLU B 39 28.79 19.84 3.05
N TYR B 40 29.04 18.66 2.48
CA TYR B 40 27.97 17.81 1.95
C TYR B 40 27.12 17.18 3.07
N TRP B 41 27.79 16.68 4.10
CA TRP B 41 27.12 16.15 5.30
C TRP B 41 26.29 17.23 6.02
N LYS B 42 26.86 18.42 6.19
CA LYS B 42 26.16 19.56 6.80
C LYS B 42 24.91 19.96 6.02
N LEU B 43 25.03 19.94 4.70
CA LEU B 43 23.93 20.23 3.79
C LEU B 43 22.80 19.20 3.93
N GLN B 44 23.15 17.92 4.12
CA GLN B 44 22.15 16.86 4.32
C GLN B 44 21.48 16.91 5.70
N ILE B 45 22.22 17.35 6.72
CA ILE B 45 21.65 17.63 8.05
C ILE B 45 20.63 18.76 7.97
N PHE B 46 20.99 19.82 7.25
CA PHE B 46 20.13 20.99 7.03
C PHE B 46 18.77 20.61 6.44
N PHE B 47 18.78 19.86 5.33
CA PHE B 47 17.54 19.47 4.66
C PHE B 47 16.71 18.45 5.43
N THR B 48 17.36 17.60 6.24
CA THR B 48 16.66 16.76 7.20
C THR B 48 15.85 17.62 8.20
N ASN B 49 16.46 18.70 8.69
CA ASN B 49 15.77 19.65 9.58
C ASN B 49 14.63 20.41 8.87
N VAL B 50 14.84 20.76 7.60
CA VAL B 50 13.79 21.41 6.78
C VAL B 50 12.56 20.52 6.62
N ILE B 51 12.79 19.24 6.28
CA ILE B 51 11.69 18.27 6.12
C ILE B 51 10.96 18.06 7.45
N GLN B 52 11.73 17.94 8.54
CA GLN B 52 11.18 17.85 9.90
C GLN B 52 10.24 19.02 10.19
N ALA B 53 10.74 20.24 9.98
CA ALA B 53 9.98 21.47 10.22
C ALA B 53 8.68 21.56 9.41
N LEU B 54 8.78 21.27 8.11
CA LEU B 54 7.61 21.18 7.21
C LEU B 54 6.53 20.23 7.70
N GLY B 55 6.95 19.05 8.18
CA GLY B 55 6.03 18.03 8.69
C GLY B 55 5.37 18.38 10.00
N GLU B 56 6.12 19.03 10.89
CA GLU B 56 5.58 19.57 12.14
C GLU B 56 4.49 20.62 11.88
N HIS B 57 4.74 21.52 10.93
CA HIS B 57 3.77 22.54 10.51
C HIS B 57 2.46 21.93 10.00
N LEU B 58 2.60 20.94 9.13
CA LEU B 58 1.44 20.22 8.59
C LEU B 58 0.83 19.19 9.54
N LYS B 59 1.39 19.07 10.75
CA LYS B 59 0.88 18.22 11.83
C LYS B 59 0.88 16.74 11.43
N LEU B 60 1.95 16.33 10.75
CA LEU B 60 2.11 14.95 10.27
C LEU B 60 2.77 14.10 11.34
N ARG B 61 2.50 12.79 11.30
CA ARG B 61 3.18 11.82 12.15
C ARG B 61 4.65 11.65 11.74
N GLN B 62 5.46 11.14 12.68
CA GLN B 62 6.91 11.02 12.50
C GLN B 62 7.27 10.06 11.37
N GLN B 63 6.48 8.99 11.22
CA GLN B 63 6.65 8.00 10.14
C GLN B 63 6.53 8.63 8.75
N VAL B 64 5.57 9.55 8.58
CA VAL B 64 5.39 10.29 7.32
C VAL B 64 6.62 11.15 7.03
N ILE B 65 7.05 11.91 8.04
CA ILE B 65 8.27 12.72 7.99
C ILE B 65 9.49 11.84 7.71
N ALA B 66 9.58 10.71 8.38
CA ALA B 66 10.68 9.76 8.17
C ALA B 66 10.71 9.24 6.72
N THR B 67 9.54 8.87 6.20
CA THR B 67 9.42 8.37 4.83
C THR B 67 9.83 9.43 3.79
N ALA B 68 9.38 10.66 3.99
CA ALA B 68 9.74 11.79 3.13
C ALA B 68 11.25 12.08 3.17
N THR B 69 11.85 11.92 4.34
CA THR B 69 13.30 12.09 4.51
C THR B 69 14.07 11.04 3.71
N VAL B 70 13.60 9.79 3.75
CA VAL B 70 14.23 8.70 2.99
C VAL B 70 14.10 8.96 1.49
N TYR B 71 12.91 9.35 1.04
CA TYR B 71 12.69 9.70 -0.37
C TYR B 71 13.71 10.73 -0.88
N PHE B 72 13.88 11.80 -0.09
CA PHE B 72 14.85 12.86 -0.36
C PHE B 72 16.29 12.31 -0.48
N LYS B 73 16.70 11.52 0.50
CA LYS B 73 18.05 10.93 0.53
C LYS B 73 18.33 10.02 -0.65
N ARG B 74 17.35 9.18 -1.00
CA ARG B 74 17.46 8.30 -2.16
C ARG B 74 17.64 9.05 -3.47
N PHE B 75 16.94 10.18 -3.61
CA PHE B 75 17.05 10.99 -4.81
C PHE B 75 18.47 11.50 -5.00
N TYR B 76 18.98 12.20 -4.00
CA TYR B 76 20.33 12.76 -4.05
C TYR B 76 21.44 11.72 -3.78
N ALA B 77 21.07 10.50 -3.40
CA ALA B 77 22.00 9.36 -3.43
C ALA B 77 22.36 8.97 -4.87
N ARG B 78 21.43 9.19 -5.80
CA ARG B 78 21.61 8.84 -7.21
C ARG B 78 21.97 10.05 -8.09
N TYR B 79 21.36 11.21 -7.83
CA TYR B 79 21.56 12.41 -8.65
C TYR B 79 22.25 13.56 -7.92
N SER B 80 22.74 14.49 -8.72
CA SER B 80 23.39 15.70 -8.26
C SER B 80 22.41 16.67 -7.60
N LEU B 81 22.96 17.51 -6.72
CA LEU B 81 22.22 18.60 -6.10
C LEU B 81 21.75 19.66 -7.11
N LYS B 82 22.42 19.73 -8.26
CA LYS B 82 22.03 20.64 -9.35
C LYS B 82 20.85 20.16 -10.18
N SER B 83 20.55 18.86 -10.15
CA SER B 83 19.51 18.27 -11.01
C SER B 83 18.11 18.85 -10.75
N ILE B 84 17.69 18.79 -9.48
CA ILE B 84 16.46 19.45 -9.01
C ILE B 84 16.80 20.20 -7.73
N ASP B 85 16.17 21.36 -7.54
CA ASP B 85 16.35 22.17 -6.32
C ASP B 85 15.84 21.41 -5.08
N PRO B 86 16.75 21.11 -4.11
CA PRO B 86 16.26 20.50 -2.87
C PRO B 86 15.21 21.31 -2.09
N VAL B 87 15.18 22.63 -2.28
CA VAL B 87 14.09 23.48 -1.78
C VAL B 87 12.73 23.05 -2.36
N LEU B 88 12.71 22.62 -3.62
CA LEU B 88 11.50 22.05 -4.24
C LEU B 88 11.28 20.58 -3.89
N MET B 89 12.35 19.79 -3.83
CA MET B 89 12.25 18.35 -3.55
C MET B 89 11.71 18.05 -2.15
N ALA B 90 12.09 18.87 -1.16
CA ALA B 90 11.70 18.65 0.23
C ALA B 90 10.18 18.63 0.48
N PRO B 91 9.45 19.70 0.08
CA PRO B 91 7.97 19.63 0.15
C PRO B 91 7.32 18.59 -0.76
N THR B 92 7.95 18.29 -1.89
CA THR B 92 7.45 17.27 -2.81
C THR B 92 7.50 15.89 -2.14
N CYS B 93 8.60 15.58 -1.47
CA CYS B 93 8.75 14.32 -0.72
C CYS B 93 7.74 14.17 0.41
N VAL B 94 7.48 15.27 1.11
CA VAL B 94 6.45 15.33 2.17
C VAL B 94 5.05 15.11 1.58
N PHE B 95 4.80 15.74 0.44
CA PHE B 95 3.55 15.60 -0.31
C PHE B 95 3.30 14.15 -0.74
N LEU B 96 4.31 13.50 -1.33
CA LEU B 96 4.16 12.10 -1.75
C LEU B 96 4.05 11.16 -0.55
N ALA B 97 4.86 11.40 0.49
CA ALA B 97 4.86 10.56 1.70
C ALA B 97 3.50 10.51 2.41
N SER B 98 2.83 11.66 2.52
CA SER B 98 1.52 11.71 3.19
C SER B 98 0.43 10.93 2.43
N LYS B 99 0.54 10.87 1.09
CA LYS B 99 -0.35 10.02 0.28
C LYS B 99 -0.08 8.54 0.52
N VAL B 100 1.18 8.15 0.36
CA VAL B 100 1.63 6.75 0.52
C VAL B 100 1.29 6.20 1.91
N GLU B 101 1.49 7.02 2.95
CA GLU B 101 1.18 6.63 4.33
C GLU B 101 -0.31 6.76 4.69
N GLU B 102 -1.13 7.21 3.74
CA GLU B 102 -2.60 7.33 3.91
C GLU B 102 -3.01 8.36 4.97
N PHE B 103 -2.22 9.43 5.06
CA PHE B 103 -2.54 10.60 5.87
C PHE B 103 -3.49 11.51 5.06
N GLY B 104 -3.21 11.63 3.76
CA GLY B 104 -4.07 12.33 2.83
C GLY B 104 -3.32 13.13 1.78
N VAL B 105 -4.07 13.60 0.78
CA VAL B 105 -3.56 14.57 -0.18
C VAL B 105 -3.61 15.95 0.50
N VAL B 106 -2.44 16.55 0.68
CA VAL B 106 -2.35 17.91 1.25
C VAL B 106 -2.80 18.87 0.15
N SER B 107 -3.62 19.85 0.53
CA SER B 107 -4.22 20.76 -0.46
C SER B 107 -3.19 21.71 -1.04
N ASN B 108 -3.50 22.25 -2.23
CA ASN B 108 -2.62 23.16 -2.95
C ASN B 108 -2.22 24.37 -2.12
N THR B 109 -3.20 24.96 -1.44
CA THR B 109 -2.95 26.12 -0.59
C THR B 109 -2.16 25.80 0.68
N ARG B 110 -2.48 24.68 1.33
N ARG B 110 -2.48 24.67 1.31
CA ARG B 110 -1.84 24.28 2.60
CA ARG B 110 -1.85 24.27 2.59
C ARG B 110 -0.37 23.92 2.43
C ARG B 110 -0.38 23.89 2.44
N LEU B 111 -0.05 23.18 1.36
CA LEU B 111 1.33 22.75 1.08
C LEU B 111 2.27 23.92 0.74
N ILE B 112 1.79 24.81 -0.14
CA ILE B 112 2.58 25.99 -0.55
C ILE B 112 2.70 26.99 0.59
N ALA B 113 1.63 27.17 1.37
CA ALA B 113 1.66 28.05 2.55
C ALA B 113 2.61 27.51 3.61
N ALA B 114 2.62 26.18 3.80
CA ALA B 114 3.53 25.52 4.75
C ALA B 114 5.00 25.70 4.36
N ALA B 115 5.30 25.50 3.07
CA ALA B 115 6.65 25.71 2.55
C ALA B 115 7.09 27.15 2.64
N THR B 116 6.20 28.08 2.29
CA THR B 116 6.48 29.51 2.40
C THR B 116 6.70 29.92 3.86
N SER B 117 5.78 29.52 4.73
CA SER B 117 5.81 29.90 6.14
C SER B 117 7.04 29.35 6.89
N VAL B 118 7.30 28.06 6.74
CA VAL B 118 8.41 27.39 7.45
C VAL B 118 9.77 27.98 7.08
N LEU B 119 10.00 28.20 5.78
CA LEU B 119 11.28 28.77 5.32
C LEU B 119 11.47 30.23 5.72
N LYS B 120 10.36 30.95 5.91
CA LYS B 120 10.39 32.33 6.41
C LYS B 120 10.62 32.37 7.93
N THR B 121 9.78 31.64 8.67
CA THR B 121 9.81 31.69 10.14
C THR B 121 10.96 30.91 10.80
N ARG B 122 11.46 29.85 10.14
CA ARG B 122 12.47 28.96 10.74
C ARG B 122 13.82 28.88 10.02
N PHE B 123 13.90 29.31 8.75
CA PHE B 123 15.13 29.20 7.96
C PHE B 123 15.49 30.47 7.18
N SER B 124 15.16 31.64 7.75
CA SER B 124 15.53 32.93 7.15
C SER B 124 17.05 33.17 7.12
N TYR B 125 17.77 32.53 8.04
CA TYR B 125 19.24 32.53 8.03
C TYR B 125 19.86 31.91 6.77
N ALA B 126 19.20 30.88 6.22
CA ALA B 126 19.66 30.20 5.01
C ALA B 126 19.06 30.77 3.72
N PHE B 127 17.82 31.27 3.82
CA PHE B 127 17.04 31.70 2.65
C PHE B 127 16.59 33.17 2.77
N PRO B 128 17.25 34.09 2.03
CA PRO B 128 16.80 35.49 2.09
C PRO B 128 15.47 35.75 1.38
N LYS B 129 15.27 35.12 0.21
CA LYS B 129 14.06 35.29 -0.60
C LYS B 129 12.97 34.30 -0.21
N GLU B 130 11.73 34.61 -0.57
CA GLU B 130 10.57 33.76 -0.28
C GLU B 130 10.55 32.50 -1.14
N PHE B 131 9.81 31.49 -0.67
CA PHE B 131 9.59 30.23 -1.39
C PHE B 131 9.03 30.51 -2.80
N PRO B 132 9.83 30.28 -3.85
CA PRO B 132 9.45 30.72 -5.20
C PRO B 132 8.48 29.79 -5.94
N TYR B 133 8.28 28.56 -5.46
CA TYR B 133 7.58 27.54 -6.24
C TYR B 133 6.08 27.48 -5.97
N ARG B 134 5.35 27.02 -6.97
CA ARG B 134 3.91 26.86 -6.95
C ARG B 134 3.58 25.38 -7.13
N MET B 135 2.30 25.07 -7.07
CA MET B 135 1.84 23.68 -7.03
C MET B 135 2.12 22.90 -8.32
N ASN B 136 2.14 23.58 -9.47
CA ASN B 136 2.55 22.96 -10.73
C ASN B 136 3.99 22.42 -10.70
N HIS B 137 4.87 23.11 -9.96
CA HIS B 137 6.27 22.67 -9.80
C HIS B 137 6.38 21.43 -8.91
N ILE B 138 5.55 21.37 -7.86
CA ILE B 138 5.48 20.21 -6.95
C ILE B 138 5.01 18.95 -7.70
N LEU B 139 3.98 19.10 -8.53
CA LEU B 139 3.42 17.98 -9.29
C LEU B 139 4.38 17.46 -10.36
N GLU B 140 5.08 18.36 -11.03
CA GLU B 140 6.14 18.00 -11.98
C GLU B 140 7.25 17.22 -11.27
N CYS B 141 7.74 17.77 -10.17
CA CYS B 141 8.78 17.14 -9.34
C CYS B 141 8.36 15.76 -8.78
N GLU B 142 7.07 15.61 -8.49
CA GLU B 142 6.52 14.34 -7.99
C GLU B 142 6.69 13.20 -9.02
N PHE B 143 6.51 13.53 -10.30
CA PHE B 143 6.76 12.57 -11.39
C PHE B 143 8.22 12.13 -11.50
N TYR B 144 9.15 13.08 -11.36
CA TYR B 144 10.59 12.77 -11.36
C TYR B 144 10.99 11.91 -10.16
N LEU B 145 10.51 12.29 -8.98
CA LEU B 145 10.78 11.54 -7.73
C LEU B 145 10.29 10.10 -7.81
N LEU B 146 9.08 9.94 -8.34
CA LEU B 146 8.44 8.63 -8.47
C LEU B 146 9.18 7.74 -9.47
N GLU B 147 9.61 8.33 -10.60
CA GLU B 147 10.42 7.62 -11.61
C GLU B 147 11.79 7.17 -11.08
N LEU B 148 12.50 8.07 -10.39
CA LEU B 148 13.86 7.77 -9.90
C LEU B 148 13.87 6.68 -8.82
N MET B 149 12.86 6.66 -7.96
CA MET B 149 12.73 5.63 -6.93
C MET B 149 12.18 4.30 -7.45
N ASP B 150 11.86 4.24 -8.75
CA ASP B 150 11.34 3.05 -9.42
C ASP B 150 10.06 2.56 -8.74
N CYS B 151 9.23 3.52 -8.33
CA CYS B 151 7.98 3.27 -7.60
C CYS B 151 8.12 2.47 -6.28
N CYS B 152 9.29 2.54 -5.66
CA CYS B 152 9.52 1.93 -4.36
C CYS B 152 9.09 2.96 -3.31
N LEU B 153 7.88 2.75 -2.77
CA LEU B 153 7.21 3.73 -1.91
C LEU B 153 7.08 3.31 -0.44
N ILE B 154 6.98 2.00 -0.19
CA ILE B 154 6.94 1.48 1.18
C ILE B 154 8.35 1.52 1.78
N VAL B 155 8.49 2.28 2.87
CA VAL B 155 9.76 2.41 3.59
C VAL B 155 9.64 1.90 5.04
N TYR B 156 10.63 1.11 5.45
CA TYR B 156 10.76 0.61 6.82
C TYR B 156 11.65 1.55 7.63
N HIS B 157 11.31 1.73 8.90
CA HIS B 157 12.01 2.65 9.80
C HIS B 157 12.36 1.96 11.12
N PRO B 158 13.35 2.48 11.87
CA PRO B 158 13.74 1.84 13.12
C PRO B 158 12.75 1.93 14.31
N TYR B 159 11.69 2.73 14.19
CA TYR B 159 10.78 3.02 15.32
C TYR B 159 9.99 1.79 15.81
N ARG B 160 9.40 1.05 14.88
CA ARG B 160 8.64 -0.16 15.22
C ARG B 160 9.52 -1.26 15.86
N PRO B 161 10.64 -1.65 15.21
CA PRO B 161 11.54 -2.57 15.90
C PRO B 161 12.11 -2.06 17.25
N LEU B 162 12.37 -0.76 17.36
CA LEU B 162 12.80 -0.17 18.64
C LEU B 162 11.76 -0.35 19.76
N LEU B 163 10.51 0.00 19.46
CA LEU B 163 9.40 -0.18 20.42
C LEU B 163 9.27 -1.64 20.88
N GLN B 164 9.38 -2.56 19.92
CA GLN B 164 9.37 -3.99 20.21
C GLN B 164 10.52 -4.41 21.15
N TYR B 165 11.72 -3.91 20.89
CA TYR B 165 12.90 -4.22 21.73
C TYR B 165 12.79 -3.74 23.19
N VAL B 166 12.36 -2.49 23.38
CA VAL B 166 12.23 -1.92 24.75
C VAL B 166 11.10 -2.59 25.55
N GLN B 167 10.00 -2.92 24.89
CA GLN B 167 8.93 -3.72 25.49
C GLN B 167 9.42 -5.11 25.91
N ASP B 168 10.28 -5.70 25.08
CA ASP B 168 10.92 -6.99 25.38
C ASP B 168 11.95 -6.90 26.52
N MET B 169 12.59 -5.74 26.67
CA MET B 169 13.42 -5.44 27.85
C MET B 169 12.60 -5.19 29.12
N GLY B 170 11.35 -4.75 28.96
CA GLY B 170 10.53 -4.27 30.08
C GLY B 170 11.00 -2.93 30.60
N GLN B 171 11.65 -2.14 29.75
CA GLN B 171 12.28 -0.87 30.12
C GLN B 171 11.78 0.25 29.21
N GLU B 172 10.46 0.27 28.98
CA GLU B 172 9.85 1.22 28.05
C GLU B 172 9.93 2.67 28.57
N ASP B 173 9.51 2.88 29.80
CA ASP B 173 9.52 4.22 30.42
C ASP B 173 10.91 4.83 30.52
N MET B 174 11.90 4.00 30.86
CA MET B 174 13.26 4.47 31.13
C MET B 174 14.03 4.79 29.84
N LEU B 175 13.98 3.86 28.88
CA LEU B 175 14.85 3.90 27.70
C LEU B 175 14.22 4.49 26.43
N LEU B 176 12.92 4.34 26.25
CA LEU B 176 12.28 4.68 24.96
C LEU B 176 12.44 6.14 24.51
N PRO B 177 12.16 7.11 25.40
CA PRO B 177 12.30 8.54 25.01
C PRO B 177 13.66 8.92 24.42
N LEU B 178 14.75 8.47 25.05
CA LEU B 178 16.10 8.76 24.55
C LEU B 178 16.44 7.98 23.28
N ALA B 179 16.15 6.68 23.29
CA ALA B 179 16.40 5.81 22.13
C ALA B 179 15.65 6.32 20.88
N TRP B 180 14.37 6.63 21.05
CA TRP B 180 13.51 7.25 20.01
C TRP B 180 14.13 8.52 19.45
N ARG B 181 14.61 9.36 20.35
CA ARG B 181 15.26 10.62 20.00
C ARG B 181 16.58 10.39 19.23
N ILE B 182 17.34 9.37 19.62
CA ILE B 182 18.58 9.02 18.91
C ILE B 182 18.26 8.47 17.50
N VAL B 183 17.18 7.71 17.37
CA VAL B 183 16.69 7.30 16.05
C VAL B 183 16.39 8.52 15.15
N ASN B 184 15.73 9.55 15.70
CA ASN B 184 15.48 10.80 14.94
C ASN B 184 16.79 11.38 14.38
N ASP B 185 17.81 11.41 15.23
CA ASP B 185 19.12 11.93 14.85
C ASP B 185 19.85 11.12 13.77
N THR B 186 19.61 9.81 13.68
CA THR B 186 20.28 8.98 12.66
C THR B 186 19.92 9.37 11.22
N TYR B 187 18.76 10.01 11.04
CA TYR B 187 18.36 10.57 9.75
C TYR B 187 19.21 11.78 9.32
N ARG B 188 20.02 12.32 10.23
CA ARG B 188 21.09 13.25 9.85
C ARG B 188 22.25 12.61 9.07
N THR B 189 22.33 11.27 9.09
CA THR B 189 23.37 10.50 8.40
C THR B 189 22.81 9.69 7.22
N ASP B 190 23.69 8.94 6.56
CA ASP B 190 23.32 7.97 5.51
C ASP B 190 22.90 6.59 6.03
N LEU B 191 22.81 6.41 7.35
CA LEU B 191 22.51 5.11 7.96
C LEU B 191 21.28 4.39 7.36
N CYS B 192 20.23 5.14 7.05
CA CYS B 192 19.00 4.55 6.48
C CYS B 192 19.18 3.96 5.07
N LEU B 193 20.19 4.44 4.34
CA LEU B 193 20.57 3.87 3.04
C LEU B 193 21.54 2.69 3.11
N LEU B 194 22.16 2.46 4.27
CA LEU B 194 23.24 1.49 4.41
C LEU B 194 22.97 0.29 5.31
N TYR B 195 21.99 0.40 6.22
CA TYR B 195 21.70 -0.68 7.18
C TYR B 195 20.21 -0.95 7.30
N PRO B 196 19.81 -2.23 7.46
CA PRO B 196 18.46 -2.60 7.93
C PRO B 196 18.01 -1.80 9.16
N PRO B 197 16.77 -1.28 9.17
CA PRO B 197 16.31 -0.44 10.28
C PRO B 197 16.34 -1.07 11.68
N PHE B 198 16.19 -2.40 11.78
CA PHE B 198 16.24 -3.07 13.07
C PHE B 198 17.62 -2.97 13.72
N MET B 199 18.67 -2.95 12.90
CA MET B 199 20.05 -2.76 13.37
C MET B 199 20.31 -1.33 13.84
N ILE B 200 19.70 -0.36 13.16
CA ILE B 200 19.78 1.06 13.57
C ILE B 200 19.10 1.23 14.93
N ALA B 201 17.94 0.60 15.10
CA ALA B 201 17.22 0.58 16.38
C ALA B 201 18.04 0.03 17.55
N LEU B 202 18.69 -1.12 17.34
CA LEU B 202 19.55 -1.74 18.37
C LEU B 202 20.75 -0.88 18.76
N ALA B 203 21.34 -0.18 17.79
CA ALA B 203 22.46 0.71 18.04
C ALA B 203 22.01 1.96 18.82
N CYS B 204 20.87 2.52 18.44
CA CYS B 204 20.25 3.63 19.17
C CYS B 204 19.86 3.23 20.60
N LEU B 205 19.33 2.02 20.75
CA LEU B 205 19.00 1.47 22.07
C LEU B 205 20.25 1.23 22.93
N HIS B 206 21.33 0.75 22.30
CA HIS B 206 22.61 0.55 22.96
C HIS B 206 23.20 1.87 23.48
N VAL B 207 23.20 2.90 22.64
CA VAL B 207 23.73 4.22 23.03
C VAL B 207 22.91 4.82 24.19
N ALA B 208 21.59 4.68 24.12
CA ALA B 208 20.70 5.11 25.21
C ALA B 208 20.95 4.40 26.54
N CYS B 209 21.28 3.10 26.49
CA CYS B 209 21.65 2.33 27.70
C CYS B 209 22.96 2.81 28.32
N VAL B 210 23.96 3.05 27.47
CA VAL B 210 25.28 3.58 27.87
C VAL B 210 25.15 5.00 28.46
N VAL B 211 24.33 5.84 27.84
CA VAL B 211 24.09 7.21 28.31
C VAL B 211 23.40 7.19 29.68
N GLN B 212 22.35 6.40 29.80
CA GLN B 212 21.59 6.27 31.06
C GLN B 212 22.21 5.29 32.08
N GLN B 213 23.35 4.69 31.73
CA GLN B 213 24.10 3.77 32.61
C GLN B 213 23.26 2.55 33.03
N LYS B 214 22.58 1.96 32.06
CA LYS B 214 21.77 0.75 32.27
C LYS B 214 22.56 -0.45 31.76
N ASP B 215 22.72 -1.47 32.62
CA ASP B 215 23.36 -2.71 32.23
C ASP B 215 22.34 -3.52 31.42
N ALA B 216 22.68 -3.79 30.17
CA ALA B 216 21.85 -4.63 29.29
C ALA B 216 22.70 -5.58 28.41
N ARG B 217 23.92 -5.89 28.87
CA ARG B 217 24.89 -6.69 28.10
C ARG B 217 24.41 -8.12 27.83
N GLN B 218 23.73 -8.72 28.81
CA GLN B 218 23.17 -10.06 28.69
C GLN B 218 22.02 -10.11 27.67
N TRP B 219 21.17 -9.08 27.68
CA TRP B 219 20.08 -8.95 26.72
C TRP B 219 20.60 -8.82 25.28
N PHE B 220 21.61 -7.96 25.10
CA PHE B 220 22.28 -7.78 23.79
C PHE B 220 23.05 -9.02 23.34
N ALA B 221 23.65 -9.72 24.30
CA ALA B 221 24.37 -10.98 24.03
C ALA B 221 23.45 -12.08 23.49
N GLU B 222 22.23 -12.16 24.03
CA GLU B 222 21.25 -13.17 23.61
C GLU B 222 20.62 -12.93 22.23
N LEU B 223 20.81 -11.74 21.64
CA LEU B 223 20.34 -11.46 20.29
C LEU B 223 21.08 -12.27 19.24
N SER B 224 20.38 -12.62 18.17
CA SER B 224 20.97 -13.27 17.00
C SER B 224 21.24 -12.21 15.93
N VAL B 225 22.39 -11.54 16.05
CA VAL B 225 22.76 -10.44 15.13
C VAL B 225 24.28 -10.24 15.08
N ASP B 226 24.78 -9.76 13.95
CA ASP B 226 26.19 -9.46 13.76
C ASP B 226 26.52 -8.16 14.52
N MET B 227 27.26 -8.30 15.62
CA MET B 227 27.52 -7.17 16.53
C MET B 227 28.55 -6.17 15.97
N GLU B 228 29.39 -6.60 15.00
CA GLU B 228 30.31 -5.68 14.33
C GLU B 228 29.57 -4.62 13.51
N LYS B 229 28.49 -5.04 12.84
CA LYS B 229 27.60 -4.12 12.12
C LYS B 229 26.91 -3.12 13.05
N ILE B 230 26.51 -3.59 14.24
CA ILE B 230 25.92 -2.71 15.26
C ILE B 230 26.94 -1.68 15.74
N LEU B 231 28.17 -2.15 16.00
CA LEU B 231 29.27 -1.26 16.42
C LEU B 231 29.67 -0.25 15.36
N GLU B 232 29.61 -0.64 14.08
CA GLU B 232 29.76 0.31 12.96
C GLU B 232 28.72 1.44 13.03
N ILE B 233 27.46 1.07 13.28
CA ILE B 233 26.37 2.04 13.39
C ILE B 233 26.59 2.98 14.60
N ILE B 234 27.01 2.39 15.73
CA ILE B 234 27.29 3.14 16.96
C ILE B 234 28.36 4.22 16.73
N ARG B 235 29.42 3.85 16.01
CA ARG B 235 30.50 4.80 15.67
C ARG B 235 30.01 6.00 14.85
N VAL B 236 29.10 5.75 13.90
CA VAL B 236 28.50 6.84 13.12
C VAL B 236 27.64 7.77 14.02
N ILE B 237 26.92 7.19 14.98
CA ILE B 237 26.10 7.97 15.92
C ILE B 237 26.97 8.86 16.81
N LEU B 238 28.07 8.29 17.32
CA LEU B 238 29.03 9.05 18.13
C LEU B 238 29.72 10.14 17.31
N LYS B 239 30.06 9.81 16.06
CA LYS B 239 30.64 10.77 15.13
C LYS B 239 29.65 11.90 14.77
N LEU B 240 28.37 11.54 14.67
CA LEU B 240 27.28 12.51 14.43
C LEU B 240 27.20 13.57 15.54
N TYR B 241 27.29 13.15 16.80
CA TYR B 241 27.23 14.08 17.93
C TYR B 241 28.46 14.98 18.07
N GLU B 242 29.63 14.49 17.64
CA GLU B 242 30.82 15.34 17.55
C GLU B 242 30.74 16.38 16.42
N GLN B 243 30.17 16.01 15.28
CA GLN B 243 29.95 16.96 14.17
C GLN B 243 28.90 18.01 14.55
N TRP B 244 27.84 17.56 15.24
CA TRP B 244 26.79 18.41 15.81
C TRP B 244 27.39 19.55 16.66
N LYS B 245 28.25 19.16 17.62
CA LYS B 245 29.00 20.10 18.46
C LYS B 245 29.78 21.12 17.63
N ASN B 246 30.54 20.63 16.64
CA ASN B 246 31.40 21.48 15.81
C ASN B 246 30.71 22.19 14.63
N PHE B 247 29.40 21.97 14.45
CA PHE B 247 28.63 22.54 13.35
C PHE B 247 27.67 23.61 13.89
N ASP B 248 27.78 24.84 13.40
CA ASP B 248 26.75 25.86 13.59
C ASP B 248 26.01 26.03 12.26
N GLU B 249 24.91 25.30 12.15
CA GLU B 249 24.00 25.36 10.99
C GLU B 249 23.57 26.77 10.60
N ARG B 250 23.21 27.56 11.60
N ARG B 250 23.23 27.57 11.60
CA ARG B 250 22.71 28.93 11.37
CA ARG B 250 22.70 28.92 11.37
C ARG B 250 23.76 29.89 10.81
C ARG B 250 23.75 29.90 10.82
N LYS B 251 24.99 29.78 11.31
CA LYS B 251 26.11 30.61 10.83
C LYS B 251 26.68 30.20 9.47
N GLU B 252 26.55 28.93 9.10
CA GLU B 252 27.30 28.34 7.96
C GLU B 252 26.51 28.09 6.69
N MET B 253 25.19 27.89 6.79
CA MET B 253 24.41 27.28 5.70
C MET B 253 24.19 28.15 4.47
N ALA B 254 24.06 29.46 4.66
CA ALA B 254 23.95 30.40 3.54
C ALA B 254 25.15 30.29 2.59
N THR B 255 26.36 30.21 3.16
CA THR B 255 27.59 30.06 2.40
C THR B 255 27.71 28.67 1.75
N ILE B 256 27.27 27.63 2.47
CA ILE B 256 27.28 26.27 1.93
C ILE B 256 26.30 26.13 0.75
N LEU B 257 25.11 26.72 0.89
CA LEU B 257 24.09 26.72 -0.18
C LEU B 257 24.55 27.48 -1.44
N SER B 258 25.24 28.61 -1.24
CA SER B 258 25.85 29.36 -2.35
C SER B 258 26.91 28.55 -3.13
N LYS B 259 27.56 27.62 -2.43
CA LYS B 259 28.56 26.73 -3.05
C LYS B 259 27.97 25.50 -3.77
N MET B 260 26.68 25.22 -3.60
CA MET B 260 26.02 24.10 -4.31
C MET B 260 26.10 24.28 -5.83
N PRO B 261 26.28 23.17 -6.58
CA PRO B 261 26.28 23.30 -8.04
C PRO B 261 24.92 23.73 -8.58
N LYS B 262 24.93 24.68 -9.51
CA LYS B 262 23.71 25.27 -10.07
C LYS B 262 23.24 24.47 -11.29
N PRO B 263 21.92 24.45 -11.56
CA PRO B 263 21.43 23.77 -12.77
C PRO B 263 21.81 24.50 -14.06
N LYS B 264 22.07 23.74 -15.12
CA LYS B 264 22.28 24.32 -16.44
C LYS B 264 20.92 24.75 -17.01
N PRO B 265 20.80 26.04 -17.41
CA PRO B 265 19.52 26.49 -17.99
C PRO B 265 19.34 26.01 -19.44
N PRO B 266 18.11 26.11 -19.98
CA PRO B 266 17.88 25.72 -21.37
C PRO B 266 18.51 26.70 -22.39
N PRO B 267 18.61 26.28 -23.68
CA PRO B 267 19.13 27.18 -24.72
C PRO B 267 18.30 28.44 -24.93
C2 6A7 C . -12.21 -5.04 -16.06
C3 6A7 C . -11.62 -3.85 -15.64
C4 6A7 C . -10.93 -3.80 -14.43
C5 6A7 C . -10.83 -4.94 -13.64
C6 6A7 C . -11.41 -6.13 -14.08
C7 6A7 C . -12.10 -6.18 -15.28
C8 6A7 C . -10.06 -4.99 -12.33
C11 6A7 C . -11.01 -3.23 -11.04
C12 6A7 C . -9.55 -2.87 -11.39
N13 6A7 C . -8.99 -3.97 -12.22
C16 6A7 C . -7.15 -5.07 -13.54
C17 6A7 C . -7.79 -5.61 -14.68
C18 6A7 C . -7.19 -6.64 -15.40
C19 6A7 C . -5.87 -7.13 -14.96
C21 6A7 C . -5.89 -5.56 -13.18
N22 6A7 C . -5.55 -8.08 -15.81
C24 6A7 C . -7.48 -7.44 -16.53
CL1 6A7 C . -13.06 -5.12 -17.57
C10 6A7 C . -11.00 -4.77 -11.13
C14 6A7 C . -7.72 -3.98 -12.73
O15 6A7 C . -6.99 -3.03 -12.50
N20 6A7 C . -5.29 -6.55 -13.86
N23 6A7 C . -6.47 -8.26 -16.68
C25 6A7 C . -8.73 -7.37 -17.38
C1 EDO D . -23.08 -28.40 -1.99
O1 EDO D . -22.76 -27.65 -3.17
C2 EDO D . -24.40 -29.15 -2.21
O2 EDO D . -24.94 -29.58 -0.96
C FMT E . -12.33 -1.91 -5.04
O1 FMT E . -11.25 -2.06 -4.45
O2 FMT E . -12.86 -0.81 -5.17
C FMT F . -6.99 2.87 -9.24
O1 FMT F . -6.02 3.10 -8.52
O2 FMT F . -6.90 2.13 -10.22
C FMT G . -0.48 8.75 -23.02
O1 FMT G . -0.70 8.23 -24.12
O2 FMT G . -1.40 9.09 -22.27
C FMT H . 8.32 -3.37 10.31
O1 FMT H . 8.10 -4.57 10.09
O2 FMT H . 7.60 -2.48 9.85
C FMT I . 6.35 -0.32 7.14
O1 FMT I . 5.34 0.15 6.61
O2 FMT I . 6.52 -1.53 7.28
C FMT J . 24.45 -1.97 27.48
O1 FMT J . 25.33 -2.36 26.72
O2 FMT J . 24.46 -2.28 28.67
#